data_5CEE
#
_entry.id   5CEE
#
_cell.length_a   48.236
_cell.length_b   48.236
_cell.length_c   291.068
_cell.angle_alpha   90.00
_cell.angle_beta   90.00
_cell.angle_gamma   120.00
#
_symmetry.space_group_name_H-M   'P 31 2 1'
#
loop_
_entity.id
_entity.type
_entity.pdbx_description
1 polymer 'NAD-dependent malic enzyme'
2 non-polymer NICOTINAMIDE-ADENINE-DINUCLEOTIDE
3 non-polymer 'MAGNESIUM ION'
4 water water
#
_entity_poly.entity_id   1
_entity_poly.type   'polypeptide(L)'
_entity_poly.pdbx_seq_one_letter_code
;MGSSHHHHHHSSGLVPRGSHMASMNIKEKALEMHEKNKGKVGVVSKVKVQNLDDLSLVYTPGVAEPCLKIKENPSDVYRY
TMKGNMVGVITNGTAVLGLGNIGPKASLPVMEGKAILFKELAGIDSFPICIDSTDSQEIVNIVSKISTVFGAINLEDIKS
PQCIEIEDALKAKLDIPVFHDDQHGTAIVVAAGILNALKVVKKSIEDVQVVINGAGSAGMAIAKMLLLLKVNNVVLVDKT
GTLYKGVANLNEPQKKLVEVTNKYQEKGTLKEVLKGKDIFIGVSAPGIVTAEMVATMAKDAIVFALANPVPEIMPDEAKK
GGARIVATGRSDFPNQVNNCLAFPGVFRGTLDAKATQITEEMKKAATYALKNIIKEQDLNENNILPTSFNKEVVKQIALA
VCKVAKETGVVRK
;
_entity_poly.pdbx_strand_id   A
#
# COMPACT_ATOMS: atom_id res chain seq x y z
N ILE A 26 6.86 -16.05 17.17
CA ILE A 26 6.99 -17.49 17.34
C ILE A 26 6.00 -18.25 16.45
N LYS A 27 6.49 -19.32 15.82
CA LYS A 27 5.71 -20.09 14.87
C LYS A 27 4.48 -20.72 15.53
N GLU A 28 4.72 -21.65 16.46
CA GLU A 28 3.65 -22.40 17.13
C GLU A 28 2.57 -21.48 17.69
N LYS A 29 2.99 -20.34 18.23
CA LYS A 29 2.05 -19.34 18.73
C LYS A 29 1.11 -18.83 17.63
N ALA A 30 1.65 -18.62 16.43
CA ALA A 30 0.82 -18.23 15.29
C ALA A 30 -0.14 -19.34 14.87
N LEU A 31 0.42 -20.54 14.65
CA LEU A 31 -0.35 -21.66 14.16
C LEU A 31 -1.48 -21.98 15.11
N GLU A 32 -1.17 -22.02 16.40
CA GLU A 32 -2.16 -22.24 17.44
C GLU A 32 -3.31 -21.26 17.31
N MET A 33 -2.96 -19.97 17.13
CA MET A 33 -3.93 -18.90 17.04
C MET A 33 -4.95 -19.09 15.94
N HIS A 34 -4.47 -19.52 14.78
CA HIS A 34 -5.32 -19.77 13.63
C HIS A 34 -6.20 -21.01 13.88
N GLU A 35 -5.61 -22.03 14.50
CA GLU A 35 -6.29 -23.30 14.76
C GLU A 35 -7.38 -23.12 15.80
N LYS A 36 -7.03 -22.39 16.85
CA LYS A 36 -7.90 -22.01 17.97
C LYS A 36 -9.36 -21.76 17.62
N ASN A 37 -9.60 -20.99 16.56
CA ASN A 37 -10.96 -20.59 16.21
C ASN A 37 -11.30 -20.82 14.74
N LYS A 38 -10.47 -21.59 14.04
CA LYS A 38 -10.68 -21.90 12.63
C LYS A 38 -10.80 -20.63 11.82
N GLY A 39 -9.77 -19.79 11.84
CA GLY A 39 -9.80 -18.52 11.14
C GLY A 39 -9.96 -17.33 12.05
N LYS A 40 -9.65 -16.14 11.53
CA LYS A 40 -9.74 -14.90 12.27
C LYS A 40 -11.03 -14.17 11.97
N VAL A 41 -11.70 -14.61 10.91
CA VAL A 41 -12.82 -13.84 10.39
C VAL A 41 -14.15 -14.56 10.58
N GLY A 42 -15.05 -13.90 11.29
CA GLY A 42 -16.40 -14.39 11.48
C GLY A 42 -17.36 -13.32 11.01
N VAL A 43 -18.62 -13.69 10.86
CA VAL A 43 -19.67 -12.73 10.52
C VAL A 43 -20.66 -12.59 11.67
N VAL A 44 -21.16 -11.39 11.91
CA VAL A 44 -22.24 -11.24 12.87
C VAL A 44 -23.45 -10.74 12.14
N SER A 45 -24.59 -10.77 12.83
CA SER A 45 -25.76 -10.05 12.39
C SER A 45 -25.69 -8.63 12.92
N LYS A 46 -26.10 -7.67 12.11
CA LYS A 46 -26.06 -6.28 12.53
C LYS A 46 -27.40 -5.91 13.17
N VAL A 47 -28.42 -6.72 12.91
CA VAL A 47 -29.71 -6.56 13.56
C VAL A 47 -30.08 -7.84 14.32
N LYS A 48 -31.07 -7.75 15.21
CA LYS A 48 -31.45 -8.89 16.03
C LYS A 48 -32.65 -9.64 15.47
N VAL A 49 -32.66 -10.96 15.65
CA VAL A 49 -33.78 -11.78 15.21
C VAL A 49 -33.75 -13.14 15.89
N GLN A 50 -34.84 -13.45 16.60
CA GLN A 50 -34.96 -14.72 17.31
C GLN A 50 -36.32 -15.37 17.06
N ASN A 51 -37.27 -14.54 16.63
CA ASN A 51 -38.65 -14.99 16.41
C ASN A 51 -39.09 -14.82 14.97
N LEU A 52 -40.40 -14.65 14.79
CA LEU A 52 -41.00 -14.57 13.46
C LEU A 52 -41.27 -13.12 13.07
N ASP A 53 -41.52 -12.28 14.07
CA ASP A 53 -41.80 -10.87 13.85
C ASP A 53 -40.69 -10.22 13.05
N ASP A 54 -39.55 -10.03 13.71
CA ASP A 54 -38.35 -9.47 13.09
C ASP A 54 -37.89 -10.29 11.88
N LEU A 55 -38.17 -11.58 11.90
CA LEU A 55 -37.82 -12.47 10.78
C LEU A 55 -38.39 -11.99 9.46
N SER A 56 -39.65 -11.56 9.51
CA SER A 56 -40.35 -11.11 8.32
C SER A 56 -39.88 -9.73 7.89
N LEU A 57 -38.95 -9.15 8.66
CA LEU A 57 -38.33 -7.88 8.32
C LEU A 57 -36.90 -8.08 7.83
N VAL A 58 -36.17 -9.03 8.43
CA VAL A 58 -34.83 -9.33 7.94
C VAL A 58 -34.93 -10.24 6.73
N TYR A 59 -36.12 -10.81 6.56
CA TYR A 59 -36.41 -11.60 5.37
C TYR A 59 -37.80 -11.27 4.86
N THR A 60 -38.50 -12.25 4.31
CA THR A 60 -39.73 -11.97 3.59
C THR A 60 -40.94 -11.86 4.52
N PRO A 61 -41.85 -10.91 4.25
CA PRO A 61 -41.86 -10.02 3.08
C PRO A 61 -41.10 -8.70 3.24
N GLY A 62 -40.42 -8.51 4.37
CA GLY A 62 -39.74 -7.25 4.63
C GLY A 62 -38.68 -6.89 3.61
N VAL A 63 -37.74 -7.79 3.37
CA VAL A 63 -36.63 -7.52 2.46
C VAL A 63 -37.05 -7.02 1.09
N ALA A 64 -38.27 -7.35 0.69
CA ALA A 64 -38.82 -6.85 -0.57
C ALA A 64 -38.76 -5.32 -0.65
N GLU A 65 -38.94 -4.65 0.48
CA GLU A 65 -39.10 -3.20 0.47
C GLU A 65 -37.82 -2.41 0.15
N PRO A 66 -36.67 -2.77 0.77
CA PRO A 66 -35.44 -2.12 0.27
C PRO A 66 -35.04 -2.59 -1.13
N CYS A 67 -35.45 -3.79 -1.52
CA CYS A 67 -35.07 -4.34 -2.82
C CYS A 67 -35.71 -3.54 -3.92
N LEU A 68 -36.92 -3.05 -3.64
CA LEU A 68 -37.67 -2.29 -4.62
C LEU A 68 -37.16 -0.85 -4.66
N LYS A 69 -36.71 -0.35 -3.51
CA LYS A 69 -36.00 0.92 -3.43
C LYS A 69 -34.79 0.93 -4.33
N ILE A 70 -33.92 -0.06 -4.14
CA ILE A 70 -32.69 -0.18 -4.93
C ILE A 70 -33.02 -0.37 -6.40
N LYS A 71 -34.11 -1.07 -6.69
CA LYS A 71 -34.52 -1.24 -8.08
C LYS A 71 -34.93 0.11 -8.69
N GLU A 72 -35.64 0.92 -7.90
CA GLU A 72 -36.09 2.25 -8.35
C GLU A 72 -34.92 3.22 -8.46
N ASN A 73 -34.26 3.48 -7.33
CA ASN A 73 -33.03 4.26 -7.35
C ASN A 73 -31.82 3.40 -6.95
N PRO A 74 -30.98 3.04 -7.94
CA PRO A 74 -29.93 2.05 -7.77
C PRO A 74 -28.85 2.46 -6.80
N SER A 75 -28.75 3.76 -6.54
CA SER A 75 -27.78 4.26 -5.58
C SER A 75 -28.21 3.90 -4.17
N ASP A 76 -29.49 3.56 -4.00
CA ASP A 76 -30.04 3.22 -2.70
C ASP A 76 -29.45 1.94 -2.13
N VAL A 77 -28.64 1.23 -2.91
CA VAL A 77 -27.74 0.21 -2.37
C VAL A 77 -27.07 0.76 -1.12
N TYR A 78 -26.58 1.99 -1.21
CA TYR A 78 -25.75 2.55 -0.18
C TYR A 78 -26.54 2.96 1.08
N ARG A 79 -27.86 2.76 1.13
CA ARG A 79 -28.53 3.02 2.41
C ARG A 79 -29.29 1.84 3.01
N TYR A 80 -29.54 0.79 2.25
CA TYR A 80 -30.20 -0.38 2.82
C TYR A 80 -29.27 -1.59 2.86
N THR A 81 -27.98 -1.33 2.80
CA THR A 81 -27.02 -2.39 2.55
C THR A 81 -25.65 -2.09 3.16
N MET A 82 -24.93 -3.16 3.49
CA MET A 82 -23.59 -3.11 4.02
C MET A 82 -22.58 -2.40 3.11
N LYS A 83 -22.87 -2.40 1.81
CA LYS A 83 -21.94 -1.98 0.74
C LYS A 83 -20.96 -0.86 1.08
N GLY A 84 -21.47 0.31 1.43
CA GLY A 84 -20.63 1.47 1.70
C GLY A 84 -19.68 1.44 2.90
N ASN A 85 -19.63 0.33 3.62
CA ASN A 85 -18.68 0.17 4.72
C ASN A 85 -17.92 -1.13 4.53
N MET A 86 -18.08 -1.70 3.35
CA MET A 86 -17.50 -3.00 3.03
C MET A 86 -16.43 -2.94 1.97
N VAL A 87 -15.23 -3.33 2.36
CA VAL A 87 -14.10 -3.40 1.47
C VAL A 87 -13.75 -4.86 1.20
N GLY A 88 -13.60 -5.20 -0.08
CA GLY A 88 -13.19 -6.55 -0.44
C GLY A 88 -11.68 -6.69 -0.49
N VAL A 89 -11.18 -7.76 0.09
CA VAL A 89 -9.76 -8.05 0.07
C VAL A 89 -9.51 -9.16 -0.93
N ILE A 90 -9.13 -8.77 -2.15
CA ILE A 90 -9.05 -9.70 -3.27
C ILE A 90 -7.59 -10.01 -3.66
N THR A 91 -7.32 -11.28 -3.96
CA THR A 91 -5.96 -11.74 -4.16
C THR A 91 -5.87 -12.85 -5.20
N ASN A 92 -4.66 -13.37 -5.36
CA ASN A 92 -4.32 -14.36 -6.36
C ASN A 92 -3.55 -15.50 -5.73
N GLY A 93 -2.67 -15.14 -4.79
CA GLY A 93 -1.78 -16.07 -4.12
C GLY A 93 -0.39 -15.97 -4.72
N THR A 94 -0.27 -15.18 -5.77
CA THR A 94 0.91 -15.23 -6.61
C THR A 94 2.08 -14.41 -6.02
N ALA A 95 1.80 -13.61 -4.99
CA ALA A 95 2.86 -12.90 -4.29
C ALA A 95 2.53 -12.74 -2.81
N VAL A 96 2.61 -13.83 -2.04
CA VAL A 96 2.18 -13.79 -0.65
C VAL A 96 3.31 -13.49 0.31
N LEU A 97 3.28 -12.31 0.92
CA LEU A 97 4.42 -11.82 1.69
C LEU A 97 5.69 -12.02 0.91
N GLY A 98 6.61 -12.77 1.49
CA GLY A 98 7.82 -13.16 0.81
C GLY A 98 7.75 -14.58 0.33
N LEU A 99 6.54 -15.14 0.28
CA LEU A 99 6.40 -16.54 -0.05
C LEU A 99 6.13 -16.73 -1.54
N GLY A 100 5.77 -15.64 -2.21
CA GLY A 100 5.55 -15.66 -3.64
C GLY A 100 4.38 -16.53 -4.08
N ASN A 101 4.48 -17.12 -5.27
CA ASN A 101 3.34 -17.78 -5.85
C ASN A 101 2.99 -19.10 -5.17
N ILE A 102 2.04 -19.06 -4.24
CA ILE A 102 1.66 -20.24 -3.47
C ILE A 102 0.16 -20.54 -3.49
N GLY A 103 -0.59 -19.83 -4.31
CA GLY A 103 -1.99 -20.17 -4.54
C GLY A 103 -3.01 -19.51 -3.64
N PRO A 104 -4.30 -19.68 -3.97
CA PRO A 104 -5.44 -19.03 -3.30
C PRO A 104 -5.72 -19.56 -1.90
N LYS A 105 -5.63 -20.89 -1.72
CA LYS A 105 -5.75 -21.53 -0.42
C LYS A 105 -4.71 -21.04 0.57
N ALA A 106 -3.44 -21.12 0.19
CA ALA A 106 -2.37 -20.79 1.12
C ALA A 106 -2.32 -19.29 1.43
N SER A 107 -2.89 -18.46 0.57
CA SER A 107 -2.92 -17.03 0.81
C SER A 107 -4.05 -16.63 1.74
N LEU A 108 -5.05 -17.50 1.89
CA LEU A 108 -6.24 -17.17 2.66
C LEU A 108 -5.96 -16.62 4.07
N PRO A 109 -5.06 -17.26 4.85
CA PRO A 109 -4.83 -16.67 6.18
C PRO A 109 -4.35 -15.22 6.11
N VAL A 110 -3.55 -14.88 5.11
CA VAL A 110 -3.07 -13.51 4.99
C VAL A 110 -4.25 -12.60 4.69
N MET A 111 -5.13 -13.05 3.81
CA MET A 111 -6.23 -12.19 3.42
C MET A 111 -7.19 -12.00 4.57
N GLU A 112 -7.42 -13.07 5.34
CA GLU A 112 -8.27 -12.96 6.52
C GLU A 112 -7.66 -11.97 7.51
N GLY A 113 -6.34 -12.05 7.66
CA GLY A 113 -5.60 -11.15 8.54
C GLY A 113 -5.72 -9.70 8.12
N LYS A 114 -5.82 -9.47 6.81
CA LYS A 114 -5.89 -8.11 6.28
C LYS A 114 -7.26 -7.53 6.53
N ALA A 115 -8.27 -8.39 6.47
CA ALA A 115 -9.65 -7.98 6.67
C ALA A 115 -9.91 -7.47 8.09
N ILE A 116 -9.41 -8.20 9.09
CA ILE A 116 -9.63 -7.86 10.50
C ILE A 116 -8.82 -6.65 10.95
N LEU A 117 -7.79 -6.30 10.18
CA LEU A 117 -7.02 -5.10 10.43
C LEU A 117 -7.78 -3.87 9.93
N PHE A 118 -8.52 -4.04 8.83
CA PHE A 118 -9.43 -3.01 8.36
C PHE A 118 -10.44 -2.73 9.46
N LYS A 119 -10.83 -3.80 10.14
CA LYS A 119 -11.87 -3.74 11.14
C LYS A 119 -11.37 -3.11 12.41
N GLU A 120 -10.20 -3.55 12.87
CA GLU A 120 -9.68 -3.19 14.18
C GLU A 120 -9.01 -1.82 14.18
N LEU A 121 -8.49 -1.42 13.04
CA LEU A 121 -7.76 -0.17 12.97
C LEU A 121 -8.64 0.99 12.51
N ALA A 122 -9.56 0.72 11.58
CA ALA A 122 -10.40 1.77 11.06
C ALA A 122 -11.89 1.41 11.02
N GLY A 123 -12.33 0.54 11.93
CA GLY A 123 -13.72 0.13 12.00
C GLY A 123 -14.42 -0.20 10.69
N ILE A 124 -13.74 -0.95 9.82
CA ILE A 124 -14.25 -1.26 8.49
C ILE A 124 -14.61 -2.73 8.33
N ASP A 125 -15.77 -3.01 7.75
CA ASP A 125 -16.12 -4.39 7.43
C ASP A 125 -15.39 -4.85 6.16
N SER A 126 -14.63 -5.93 6.29
CA SER A 126 -13.84 -6.44 5.18
C SER A 126 -14.06 -7.94 4.95
N PHE A 127 -14.03 -8.36 3.68
CA PHE A 127 -14.17 -9.77 3.36
C PHE A 127 -13.22 -10.23 2.25
N PRO A 128 -12.51 -11.35 2.51
CA PRO A 128 -11.47 -11.92 1.65
C PRO A 128 -12.01 -12.76 0.49
N ILE A 129 -11.57 -12.42 -0.72
CA ILE A 129 -11.88 -13.22 -1.89
C ILE A 129 -10.57 -13.65 -2.50
N CYS A 130 -10.37 -14.95 -2.63
CA CYS A 130 -9.13 -15.47 -3.19
C CYS A 130 -9.43 -16.11 -4.53
N ILE A 131 -8.79 -15.61 -5.58
CA ILE A 131 -9.12 -15.96 -6.96
C ILE A 131 -8.13 -16.96 -7.56
N ASP A 132 -8.67 -18.02 -8.17
CA ASP A 132 -7.87 -19.12 -8.69
C ASP A 132 -7.72 -19.00 -10.20
N SER A 133 -6.89 -18.06 -10.61
CA SER A 133 -6.64 -17.75 -12.02
C SER A 133 -5.46 -16.82 -12.12
N THR A 134 -4.52 -17.10 -13.02
CA THR A 134 -3.40 -16.19 -13.22
C THR A 134 -3.59 -15.40 -14.52
N ASP A 135 -4.78 -15.45 -15.08
CA ASP A 135 -5.10 -14.70 -16.29
C ASP A 135 -5.67 -13.32 -15.94
N SER A 136 -4.94 -12.27 -16.29
CA SER A 136 -5.37 -10.90 -16.02
C SER A 136 -6.82 -10.63 -16.40
N GLN A 137 -7.16 -10.85 -17.67
CA GLN A 137 -8.51 -10.58 -18.18
C GLN A 137 -9.59 -11.34 -17.40
N GLU A 138 -9.34 -12.61 -17.09
CA GLU A 138 -10.26 -13.39 -16.28
C GLU A 138 -10.44 -12.78 -14.89
N ILE A 139 -9.35 -12.33 -14.28
CA ILE A 139 -9.42 -11.78 -12.94
C ILE A 139 -10.12 -10.43 -12.94
N VAL A 140 -9.83 -9.61 -13.95
CA VAL A 140 -10.51 -8.34 -14.14
C VAL A 140 -12.02 -8.55 -14.18
N ASN A 141 -12.45 -9.30 -15.19
CA ASN A 141 -13.85 -9.63 -15.38
C ASN A 141 -14.53 -10.20 -14.13
N ILE A 142 -13.89 -11.18 -13.51
CA ILE A 142 -14.44 -11.83 -12.31
C ILE A 142 -14.61 -10.88 -11.14
N VAL A 143 -13.65 -10.02 -10.89
CA VAL A 143 -13.80 -9.09 -9.79
C VAL A 143 -14.82 -8.04 -10.12
N SER A 144 -14.85 -7.63 -11.40
CA SER A 144 -15.79 -6.60 -11.80
C SER A 144 -17.20 -7.15 -11.70
N LYS A 145 -17.35 -8.45 -11.89
CA LYS A 145 -18.67 -9.06 -11.82
C LYS A 145 -19.17 -9.29 -10.39
N ILE A 146 -18.28 -9.24 -9.40
CA ILE A 146 -18.70 -9.44 -8.00
C ILE A 146 -18.58 -8.18 -7.14
N SER A 147 -18.64 -7.02 -7.81
CA SER A 147 -18.45 -5.74 -7.14
C SER A 147 -19.68 -5.27 -6.39
N THR A 148 -20.82 -5.92 -6.64
CA THR A 148 -22.09 -5.50 -6.04
C THR A 148 -22.00 -5.33 -4.53
N VAL A 149 -21.36 -6.28 -3.84
CA VAL A 149 -21.29 -6.23 -2.39
C VAL A 149 -20.16 -5.36 -1.82
N PHE A 150 -19.24 -4.90 -2.65
CA PHE A 150 -18.09 -4.16 -2.11
C PHE A 150 -18.13 -2.66 -2.36
N GLY A 151 -17.88 -1.89 -1.31
CA GLY A 151 -17.79 -0.45 -1.42
C GLY A 151 -16.43 0.03 -1.93
N ALA A 152 -15.43 -0.84 -1.78
CA ALA A 152 -14.10 -0.56 -2.30
C ALA A 152 -13.36 -1.85 -2.50
N ILE A 153 -12.33 -1.82 -3.34
CA ILE A 153 -11.50 -3.00 -3.54
C ILE A 153 -10.08 -2.78 -3.07
N ASN A 154 -9.63 -3.63 -2.15
CA ASN A 154 -8.22 -3.71 -1.80
C ASN A 154 -7.60 -4.93 -2.48
N LEU A 155 -6.73 -4.69 -3.46
CA LEU A 155 -6.02 -5.79 -4.12
C LEU A 155 -4.77 -6.14 -3.31
N GLU A 156 -4.52 -7.42 -3.12
CA GLU A 156 -3.44 -7.81 -2.22
C GLU A 156 -2.65 -9.02 -2.73
N ASP A 157 -1.33 -8.90 -2.65
CA ASP A 157 -0.42 -10.02 -2.89
C ASP A 157 -0.52 -10.62 -4.29
N ILE A 158 -0.34 -9.77 -5.29
CA ILE A 158 -0.32 -10.17 -6.68
C ILE A 158 1.03 -9.84 -7.32
N LYS A 159 1.41 -10.62 -8.33
CA LYS A 159 2.68 -10.55 -9.03
C LYS A 159 2.88 -9.29 -9.86
N SER A 160 4.00 -8.61 -9.66
CA SER A 160 4.47 -7.64 -10.64
C SER A 160 5.05 -8.43 -11.80
N PRO A 161 4.77 -8.03 -13.04
CA PRO A 161 3.99 -6.88 -13.53
C PRO A 161 2.48 -7.12 -13.60
N GLN A 162 2.01 -8.33 -13.34
CA GLN A 162 0.59 -8.62 -13.54
C GLN A 162 -0.31 -7.69 -12.76
N CYS A 163 0.07 -7.41 -11.52
CA CYS A 163 -0.74 -6.60 -10.61
C CYS A 163 -1.10 -5.23 -11.18
N ILE A 164 -0.20 -4.67 -11.99
CA ILE A 164 -0.43 -3.35 -12.55
C ILE A 164 -1.56 -3.32 -13.58
N GLU A 165 -1.60 -4.28 -14.50
CA GLU A 165 -2.60 -4.21 -15.57
C GLU A 165 -3.98 -4.48 -14.99
N ILE A 166 -4.04 -5.42 -14.05
CA ILE A 166 -5.27 -5.70 -13.33
C ILE A 166 -5.75 -4.46 -12.57
N GLU A 167 -4.85 -3.82 -11.82
CA GLU A 167 -5.22 -2.65 -11.04
C GLU A 167 -5.76 -1.59 -11.97
N ASP A 168 -4.99 -1.35 -13.04
CA ASP A 168 -5.34 -0.39 -14.07
C ASP A 168 -6.63 -0.73 -14.81
N ALA A 169 -6.86 -2.02 -15.06
CA ALA A 169 -8.04 -2.40 -15.83
C ALA A 169 -9.30 -2.19 -14.98
N LEU A 170 -9.25 -2.68 -13.74
CA LEU A 170 -10.37 -2.55 -12.83
C LEU A 170 -10.61 -1.11 -12.41
N LYS A 171 -9.54 -0.31 -12.44
CA LYS A 171 -9.64 1.08 -11.99
C LYS A 171 -10.43 1.91 -13.00
N ALA A 172 -10.29 1.56 -14.27
CA ALA A 172 -11.00 2.27 -15.34
C ALA A 172 -12.33 1.61 -15.64
N LYS A 173 -12.56 0.44 -15.04
CA LYS A 173 -13.79 -0.30 -15.28
C LYS A 173 -14.83 -0.06 -14.19
N LEU A 174 -14.38 -0.07 -12.93
CA LEU A 174 -15.30 -0.04 -11.82
C LEU A 174 -15.52 1.36 -11.29
N ASP A 175 -16.74 1.60 -10.82
CA ASP A 175 -17.18 2.88 -10.28
C ASP A 175 -16.89 3.01 -8.78
N ILE A 176 -16.18 2.04 -8.22
CA ILE A 176 -15.77 2.10 -6.83
C ILE A 176 -14.25 2.19 -6.72
N PRO A 177 -13.75 2.62 -5.55
CA PRO A 177 -12.31 2.72 -5.38
C PRO A 177 -11.60 1.37 -5.48
N VAL A 178 -10.52 1.33 -6.28
CA VAL A 178 -9.68 0.14 -6.39
C VAL A 178 -8.23 0.53 -6.05
N PHE A 179 -7.57 -0.32 -5.27
CA PHE A 179 -6.35 0.07 -4.59
C PHE A 179 -5.44 -1.13 -4.31
N HIS A 180 -4.26 -1.11 -4.91
CA HIS A 180 -3.26 -2.13 -4.65
C HIS A 180 -2.33 -1.67 -3.55
N ASP A 181 -2.58 -2.14 -2.34
CA ASP A 181 -1.89 -1.71 -1.13
C ASP A 181 -0.40 -1.99 -1.14
N ASP A 182 -0.01 -3.17 -1.60
CA ASP A 182 1.41 -3.56 -1.59
C ASP A 182 2.29 -2.63 -2.44
N GLN A 183 1.69 -1.80 -3.29
CA GLN A 183 2.48 -0.83 -4.05
C GLN A 183 2.15 0.61 -3.70
N HIS A 184 0.87 0.96 -3.68
CA HIS A 184 0.49 2.35 -3.40
C HIS A 184 0.50 2.64 -1.91
N GLY A 185 0.05 1.67 -1.12
CA GLY A 185 0.14 1.79 0.32
C GLY A 185 1.57 1.84 0.78
N THR A 186 2.44 1.10 0.12
CA THR A 186 3.86 1.13 0.44
C THR A 186 4.43 2.54 0.24
N ALA A 187 4.14 3.12 -0.91
CA ALA A 187 4.72 4.39 -1.28
C ALA A 187 4.31 5.50 -0.33
N ILE A 188 3.08 5.44 0.17
CA ILE A 188 2.57 6.44 1.11
C ILE A 188 3.43 6.52 2.35
N VAL A 189 3.71 5.37 2.96
CA VAL A 189 4.56 5.32 4.13
C VAL A 189 6.01 5.68 3.78
N VAL A 190 6.45 5.25 2.61
CA VAL A 190 7.82 5.53 2.18
C VAL A 190 8.02 7.04 1.98
N ALA A 191 7.19 7.62 1.14
CA ALA A 191 7.21 9.06 0.91
C ALA A 191 7.01 9.85 2.21
N ALA A 192 6.20 9.33 3.12
CA ALA A 192 6.03 9.96 4.43
C ALA A 192 7.37 9.98 5.18
N GLY A 193 8.06 8.85 5.16
CA GLY A 193 9.30 8.71 5.88
C GLY A 193 10.42 9.48 5.24
N ILE A 194 10.31 9.70 3.92
CA ILE A 194 11.31 10.45 3.18
C ILE A 194 11.22 11.93 3.49
N LEU A 195 10.02 12.48 3.33
CA LEU A 195 9.76 13.88 3.64
C LEU A 195 10.19 14.24 5.04
N ASN A 196 9.94 13.34 5.98
CA ASN A 196 10.30 13.59 7.37
C ASN A 196 11.81 13.56 7.57
N ALA A 197 12.45 12.64 6.85
CA ALA A 197 13.89 12.48 6.90
C ALA A 197 14.64 13.66 6.26
N LEU A 198 14.03 14.29 5.27
CA LEU A 198 14.67 15.43 4.63
C LEU A 198 14.69 16.64 5.54
N LYS A 199 13.60 16.84 6.29
CA LYS A 199 13.50 17.92 7.27
C LYS A 199 14.64 17.80 8.27
N VAL A 200 14.90 16.57 8.68
CA VAL A 200 16.02 16.26 9.55
C VAL A 200 17.33 16.78 8.98
N VAL A 201 17.75 16.24 7.84
CA VAL A 201 19.05 16.61 7.30
C VAL A 201 18.98 17.93 6.52
N LYS A 202 17.87 18.64 6.69
CA LYS A 202 17.67 19.97 6.12
C LYS A 202 17.74 20.00 4.59
N LYS A 203 17.37 18.92 3.94
CA LYS A 203 17.35 18.89 2.48
C LYS A 203 15.93 18.96 1.93
N SER A 204 15.78 19.40 0.68
CA SER A 204 14.49 19.44 0.00
C SER A 204 14.43 18.42 -1.12
N ILE A 205 13.26 17.80 -1.31
CA ILE A 205 13.09 16.64 -2.19
C ILE A 205 13.18 16.99 -3.67
N GLU A 206 13.29 18.28 -3.98
CA GLU A 206 13.34 18.72 -5.36
C GLU A 206 14.79 18.94 -5.76
N ASP A 207 15.68 18.71 -4.80
CA ASP A 207 17.12 18.91 -4.99
C ASP A 207 17.92 17.60 -4.88
N VAL A 208 17.23 16.49 -4.61
CA VAL A 208 17.94 15.29 -4.17
C VAL A 208 17.88 14.15 -5.18
N GLN A 209 18.91 13.30 -5.16
CA GLN A 209 19.05 12.23 -6.15
C GLN A 209 18.84 10.83 -5.52
N VAL A 210 17.75 10.17 -5.91
CA VAL A 210 17.30 8.95 -5.25
C VAL A 210 17.60 7.71 -6.07
N VAL A 211 17.92 6.63 -5.37
CA VAL A 211 18.10 5.35 -6.02
C VAL A 211 17.20 4.29 -5.39
N ILE A 212 16.47 3.57 -6.23
CA ILE A 212 15.57 2.55 -5.74
C ILE A 212 15.93 1.19 -6.32
N ASN A 213 16.21 0.23 -5.44
CA ASN A 213 16.67 -1.06 -5.88
C ASN A 213 15.54 -2.10 -5.94
N GLY A 214 15.26 -2.56 -7.15
CA GLY A 214 14.13 -3.45 -7.38
C GLY A 214 13.02 -2.74 -8.11
N ALA A 215 12.88 -3.03 -9.40
CA ALA A 215 11.86 -2.36 -10.21
C ALA A 215 10.61 -3.21 -10.27
N GLY A 216 10.30 -3.85 -9.15
CA GLY A 216 9.08 -4.62 -9.04
C GLY A 216 7.97 -3.68 -8.60
N SER A 217 6.86 -4.26 -8.15
CA SER A 217 5.68 -3.52 -7.73
C SER A 217 5.98 -2.35 -6.82
N ALA A 218 6.63 -2.63 -5.69
CA ALA A 218 6.85 -1.63 -4.66
C ALA A 218 7.88 -0.59 -5.10
N GLY A 219 8.88 -1.02 -5.87
CA GLY A 219 9.86 -0.10 -6.39
C GLY A 219 9.17 0.87 -7.33
N MET A 220 8.54 0.29 -8.35
CA MET A 220 7.72 1.00 -9.31
C MET A 220 6.91 2.13 -8.70
N ALA A 221 6.20 1.82 -7.63
CA ALA A 221 5.19 2.73 -7.11
C ALA A 221 5.79 3.82 -6.24
N ILE A 222 6.87 3.50 -5.52
CA ILE A 222 7.63 4.52 -4.80
C ILE A 222 8.14 5.57 -5.80
N ALA A 223 8.62 5.11 -6.95
CA ALA A 223 9.05 6.02 -8.01
C ALA A 223 7.93 6.98 -8.39
N LYS A 224 6.71 6.45 -8.48
CA LYS A 224 5.55 7.25 -8.89
C LYS A 224 5.18 8.28 -7.84
N MET A 225 5.15 7.84 -6.60
CA MET A 225 4.76 8.71 -5.50
C MET A 225 5.82 9.78 -5.24
N LEU A 226 7.06 9.54 -5.64
CA LEU A 226 8.11 10.57 -5.51
C LEU A 226 8.03 11.57 -6.64
N LEU A 227 7.82 11.07 -7.86
CA LEU A 227 7.63 11.96 -9.00
C LEU A 227 6.37 12.76 -8.78
N LEU A 228 5.45 12.19 -8.01
CA LEU A 228 4.24 12.89 -7.62
C LEU A 228 4.58 14.03 -6.68
N LEU A 229 5.75 13.93 -6.07
CA LEU A 229 6.20 14.91 -5.08
C LEU A 229 7.27 15.84 -5.65
N LYS A 230 7.43 15.82 -6.98
CA LYS A 230 8.42 16.66 -7.65
C LYS A 230 9.83 16.33 -7.17
N VAL A 231 10.18 15.05 -7.17
CA VAL A 231 11.55 14.67 -6.86
C VAL A 231 12.42 15.17 -8.01
N ASN A 232 13.67 15.51 -7.71
CA ASN A 232 14.58 16.02 -8.73
C ASN A 232 14.97 14.93 -9.72
N ASN A 233 15.25 13.76 -9.18
CA ASN A 233 15.74 12.64 -9.98
C ASN A 233 15.67 11.33 -9.18
N VAL A 234 15.00 10.34 -9.76
CA VAL A 234 14.98 9.00 -9.19
C VAL A 234 15.58 8.01 -10.18
N VAL A 235 16.41 7.09 -9.69
CA VAL A 235 16.94 6.03 -10.53
C VAL A 235 16.48 4.66 -10.06
N LEU A 236 15.82 3.91 -10.94
CA LEU A 236 15.45 2.54 -10.61
C LEU A 236 16.52 1.54 -11.05
N VAL A 237 16.82 0.58 -10.17
CA VAL A 237 17.81 -0.45 -10.45
C VAL A 237 17.23 -1.85 -10.21
N ASP A 238 17.45 -2.77 -11.15
CA ASP A 238 16.95 -4.12 -11.00
C ASP A 238 18.09 -5.10 -10.76
N LYS A 239 17.77 -6.40 -10.69
CA LYS A 239 18.76 -7.44 -10.37
C LYS A 239 19.83 -7.59 -11.43
N THR A 240 19.83 -6.71 -12.42
CA THR A 240 20.71 -6.83 -13.57
C THR A 240 21.38 -5.50 -13.91
N GLY A 241 20.89 -4.40 -13.31
CA GLY A 241 21.44 -3.07 -13.54
C GLY A 241 20.35 -2.03 -13.55
N THR A 242 20.69 -0.74 -13.63
CA THR A 242 19.66 0.30 -13.66
C THR A 242 18.84 0.22 -14.93
N LEU A 243 17.78 1.00 -14.97
CA LEU A 243 16.92 0.98 -16.12
C LEU A 243 17.04 2.30 -16.85
N TYR A 244 17.39 2.21 -18.13
CA TYR A 244 17.51 3.38 -18.97
C TYR A 244 16.83 3.09 -20.29
N LYS A 245 16.61 4.13 -21.08
CA LYS A 245 16.04 3.97 -22.41
C LYS A 245 16.91 2.99 -23.20
N GLY A 246 16.28 1.97 -23.78
CA GLY A 246 16.99 0.97 -24.56
C GLY A 246 17.60 -0.15 -23.74
N VAL A 247 17.05 -0.41 -22.55
CA VAL A 247 17.48 -1.54 -21.74
C VAL A 247 16.83 -2.81 -22.29
N ALA A 248 17.60 -3.91 -22.30
CA ALA A 248 17.06 -5.18 -22.77
C ALA A 248 15.96 -5.70 -21.86
N ASN A 249 14.73 -5.70 -22.38
CA ASN A 249 13.57 -6.28 -21.70
C ASN A 249 13.13 -5.54 -20.44
N LEU A 250 12.36 -4.46 -20.64
CA LEU A 250 11.55 -3.89 -19.59
C LEU A 250 10.16 -4.46 -19.74
N ASN A 251 9.43 -4.65 -18.64
CA ASN A 251 8.04 -5.01 -18.79
C ASN A 251 7.32 -3.73 -19.19
N GLU A 252 6.05 -3.83 -19.56
CA GLU A 252 5.37 -2.65 -20.06
C GLU A 252 5.39 -1.49 -19.06
N PRO A 253 5.14 -1.77 -17.75
CA PRO A 253 5.23 -0.63 -16.83
C PRO A 253 6.66 -0.12 -16.58
N GLN A 254 7.65 -1.00 -16.61
CA GLN A 254 9.03 -0.55 -16.48
C GLN A 254 9.32 0.45 -17.59
N LYS A 255 8.90 0.13 -18.81
CA LYS A 255 9.12 1.00 -19.96
C LYS A 255 8.56 2.40 -19.75
N LYS A 256 7.30 2.49 -19.33
CA LYS A 256 6.66 3.78 -19.09
C LYS A 256 7.40 4.57 -18.02
N LEU A 257 8.12 3.87 -17.16
CA LEU A 257 8.77 4.51 -16.04
C LEU A 257 10.17 4.94 -16.41
N VAL A 258 10.73 4.30 -17.43
CA VAL A 258 12.04 4.67 -17.94
C VAL A 258 11.97 6.08 -18.53
N GLU A 259 10.79 6.46 -19.00
CA GLU A 259 10.60 7.79 -19.58
C GLU A 259 10.70 8.89 -18.53
N VAL A 260 10.06 8.68 -17.39
CA VAL A 260 10.01 9.71 -16.36
C VAL A 260 11.22 9.71 -15.43
N THR A 261 11.90 8.57 -15.34
CA THR A 261 12.98 8.40 -14.38
C THR A 261 14.38 8.44 -15.00
N ASN A 262 15.38 8.61 -14.13
CA ASN A 262 16.79 8.64 -14.51
C ASN A 262 17.02 9.60 -15.67
N LYS A 263 16.75 10.88 -15.41
CA LYS A 263 16.86 11.91 -16.43
C LYS A 263 18.23 11.91 -17.08
N TYR A 264 19.25 11.83 -16.24
CA TYR A 264 20.64 11.92 -16.70
C TYR A 264 21.07 10.62 -17.35
N GLN A 265 20.13 9.68 -17.46
CA GLN A 265 20.31 8.46 -18.24
C GLN A 265 21.53 7.64 -17.80
N GLU A 266 21.69 7.46 -16.50
CA GLU A 266 22.81 6.70 -15.97
C GLU A 266 22.63 5.22 -16.27
N LYS A 267 23.75 4.52 -16.39
CA LYS A 267 23.74 3.09 -16.66
C LYS A 267 24.63 2.36 -15.66
N GLY A 268 24.52 1.04 -15.58
CA GLY A 268 25.43 0.29 -14.75
C GLY A 268 24.86 -0.34 -13.49
N THR A 269 25.77 -0.78 -12.63
CA THR A 269 25.41 -1.55 -11.44
C THR A 269 25.11 -0.64 -10.28
N LEU A 270 24.55 -1.23 -9.21
CA LEU A 270 24.19 -0.48 -8.02
C LEU A 270 25.38 0.20 -7.39
N LYS A 271 26.49 -0.53 -7.30
CA LYS A 271 27.73 0.00 -6.76
C LYS A 271 28.04 1.34 -7.39
N GLU A 272 28.08 1.36 -8.71
CA GLU A 272 28.50 2.52 -9.45
C GLU A 272 27.47 3.64 -9.32
N VAL A 273 26.20 3.25 -9.31
CA VAL A 273 25.10 4.18 -9.42
C VAL A 273 24.74 4.84 -8.08
N LEU A 274 24.88 4.07 -7.01
CA LEU A 274 24.68 4.58 -5.66
C LEU A 274 25.60 5.75 -5.34
N LYS A 275 26.75 5.79 -6.02
CA LYS A 275 27.78 6.78 -5.77
C LYS A 275 27.30 8.21 -5.99
N GLY A 276 27.01 8.89 -4.89
CA GLY A 276 26.74 10.31 -4.93
C GLY A 276 25.31 10.63 -4.58
N LYS A 277 24.50 9.60 -4.43
CA LYS A 277 23.07 9.78 -4.19
C LYS A 277 22.76 10.23 -2.77
N ASP A 278 21.69 11.00 -2.61
CA ASP A 278 21.22 11.37 -1.27
C ASP A 278 20.47 10.23 -0.57
N ILE A 279 19.64 9.53 -1.32
CA ILE A 279 18.76 8.52 -0.75
C ILE A 279 18.90 7.16 -1.42
N PHE A 280 19.17 6.14 -0.61
CA PHE A 280 18.98 4.78 -1.11
C PHE A 280 17.67 4.21 -0.57
N ILE A 281 16.90 3.60 -1.45
CA ILE A 281 15.66 2.91 -1.06
C ILE A 281 15.64 1.51 -1.62
N GLY A 282 15.84 0.52 -0.76
CA GLY A 282 15.89 -0.85 -1.22
C GLY A 282 14.65 -1.66 -0.90
N VAL A 283 14.06 -2.21 -1.95
CA VAL A 283 12.92 -3.10 -1.85
C VAL A 283 13.20 -4.30 -2.74
N SER A 284 14.22 -5.07 -2.37
CA SER A 284 14.74 -6.06 -3.31
C SER A 284 15.25 -7.34 -2.64
N ALA A 285 16.33 -7.23 -1.88
CA ALA A 285 17.08 -8.41 -1.49
C ALA A 285 17.81 -8.23 -0.16
N PRO A 286 18.37 -9.32 0.39
CA PRO A 286 19.14 -9.11 1.62
C PRO A 286 20.63 -8.97 1.39
N GLY A 287 21.25 -8.01 2.09
CA GLY A 287 22.69 -7.90 2.12
C GLY A 287 23.34 -7.69 0.76
N ILE A 288 22.82 -6.76 -0.02
CA ILE A 288 23.43 -6.43 -1.30
C ILE A 288 24.14 -5.08 -1.22
N VAL A 289 24.02 -4.44 -0.06
CA VAL A 289 24.62 -3.12 0.16
C VAL A 289 25.59 -3.21 1.33
N THR A 290 26.73 -2.53 1.23
CA THR A 290 27.72 -2.56 2.29
C THR A 290 27.92 -1.20 2.93
N ALA A 291 28.80 -1.14 3.91
CA ALA A 291 29.20 0.10 4.56
C ALA A 291 30.04 0.96 3.62
N GLU A 292 30.88 0.31 2.81
CA GLU A 292 31.70 1.01 1.81
C GLU A 292 30.79 1.77 0.86
N MET A 293 29.74 1.10 0.41
CA MET A 293 28.78 1.66 -0.52
C MET A 293 28.04 2.88 0.06
N VAL A 294 27.82 2.88 1.36
CA VAL A 294 27.15 4.01 2.01
C VAL A 294 28.12 5.19 2.12
N ALA A 295 29.40 4.90 2.09
CA ALA A 295 30.40 5.94 2.18
C ALA A 295 30.48 6.74 0.88
N THR A 296 30.01 6.14 -0.21
CA THR A 296 30.07 6.80 -1.50
C THR A 296 28.91 7.76 -1.72
N MET A 297 27.83 7.58 -0.98
CA MET A 297 26.66 8.43 -1.08
C MET A 297 26.93 9.81 -0.52
N ALA A 298 26.05 10.74 -0.82
CA ALA A 298 26.17 12.10 -0.30
C ALA A 298 26.10 12.15 1.22
N LYS A 299 26.70 13.21 1.75
CA LYS A 299 26.64 13.60 3.16
C LYS A 299 25.21 13.57 3.71
N ASP A 300 25.07 13.17 4.98
CA ASP A 300 23.76 12.98 5.62
C ASP A 300 22.95 11.96 4.85
N ALA A 301 23.53 10.79 4.62
CA ALA A 301 22.88 9.83 3.74
C ALA A 301 21.61 9.32 4.37
N ILE A 302 20.64 9.03 3.51
CA ILE A 302 19.39 8.40 3.90
C ILE A 302 19.30 7.02 3.30
N VAL A 303 19.20 6.03 4.18
CA VAL A 303 19.18 4.64 3.77
C VAL A 303 17.88 3.93 4.19
N PHE A 304 17.16 3.39 3.23
CA PHE A 304 15.93 2.65 3.52
C PHE A 304 16.06 1.20 3.05
N ALA A 305 16.25 0.30 4.01
CA ALA A 305 16.45 -1.12 3.74
C ALA A 305 15.22 -1.90 4.20
N LEU A 306 14.25 -1.96 3.30
CA LEU A 306 12.92 -2.41 3.64
C LEU A 306 12.69 -3.86 3.23
N ALA A 307 13.71 -4.47 2.63
CA ALA A 307 13.64 -5.88 2.33
C ALA A 307 13.46 -6.65 3.63
N ASN A 308 12.73 -7.76 3.56
CA ASN A 308 12.31 -8.47 4.77
C ASN A 308 12.44 -9.97 4.62
N PRO A 309 12.87 -10.66 5.69
CA PRO A 309 13.22 -10.13 7.02
C PRO A 309 14.63 -9.57 7.14
N VAL A 310 15.52 -9.99 6.26
CA VAL A 310 16.89 -9.49 6.29
C VAL A 310 17.00 -8.33 5.30
N PRO A 311 17.17 -7.11 5.83
CA PRO A 311 17.20 -5.91 5.01
C PRO A 311 18.43 -5.93 4.14
N GLU A 312 18.50 -5.07 3.13
CA GLU A 312 19.67 -5.12 2.25
C GLU A 312 20.94 -4.62 2.97
N ILE A 313 20.76 -4.11 4.18
CA ILE A 313 21.87 -3.67 5.03
C ILE A 313 21.40 -3.39 6.46
N MET A 314 22.23 -3.69 7.45
CA MET A 314 21.89 -3.41 8.84
C MET A 314 22.12 -1.94 9.16
N PRO A 315 21.32 -1.37 10.06
CA PRO A 315 21.51 0.03 10.45
C PRO A 315 22.91 0.24 11.03
N ASP A 316 23.45 -0.83 11.61
CA ASP A 316 24.77 -0.78 12.23
C ASP A 316 25.82 -0.52 11.18
N GLU A 317 25.76 -1.32 10.13
CA GLU A 317 26.67 -1.16 9.02
C GLU A 317 26.28 0.05 8.19
N ALA A 318 25.04 0.48 8.33
CA ALA A 318 24.58 1.68 7.63
C ALA A 318 25.13 2.95 8.29
N LYS A 319 25.09 2.99 9.62
CA LYS A 319 25.60 4.15 10.35
C LYS A 319 27.13 4.13 10.33
N LYS A 320 27.69 2.93 10.14
CA LYS A 320 29.13 2.75 10.00
C LYS A 320 29.61 3.35 8.68
N GLY A 321 28.83 3.18 7.61
CA GLY A 321 29.13 3.81 6.34
C GLY A 321 28.99 5.33 6.40
N GLY A 322 28.17 5.81 7.33
CA GLY A 322 27.98 7.23 7.53
C GLY A 322 26.52 7.67 7.40
N ALA A 323 25.60 6.71 7.35
CA ALA A 323 24.20 7.05 7.18
C ALA A 323 23.73 7.92 8.31
N ARG A 324 23.12 9.06 7.98
CA ARG A 324 22.52 9.89 9.01
C ARG A 324 21.21 9.27 9.45
N ILE A 325 20.44 8.79 8.48
CA ILE A 325 19.15 8.21 8.77
C ILE A 325 18.98 6.84 8.14
N VAL A 326 18.49 5.90 8.93
CA VAL A 326 18.19 4.56 8.44
C VAL A 326 16.77 4.14 8.81
N ALA A 327 16.01 3.70 7.82
CA ALA A 327 14.71 3.07 8.04
C ALA A 327 14.81 1.65 7.55
N THR A 328 14.07 0.75 8.20
CA THR A 328 13.97 -0.62 7.75
C THR A 328 12.51 -1.07 7.83
N GLY A 329 12.24 -2.31 7.46
CA GLY A 329 10.91 -2.85 7.59
C GLY A 329 10.75 -3.66 8.87
N ARG A 330 11.59 -3.37 9.85
CA ARG A 330 11.70 -4.19 11.06
C ARG A 330 11.15 -3.50 12.29
N SER A 331 10.47 -4.27 13.13
CA SER A 331 9.86 -3.74 14.35
C SER A 331 10.91 -3.48 15.41
N ASP A 332 11.93 -4.32 15.48
CA ASP A 332 12.98 -4.13 16.47
C ASP A 332 13.80 -2.89 16.19
N PHE A 333 13.91 -2.53 14.91
CA PHE A 333 14.76 -1.41 14.54
C PHE A 333 14.03 -0.06 14.51
N PRO A 334 14.74 1.02 14.87
CA PRO A 334 14.29 2.38 15.18
C PRO A 334 13.36 3.12 14.21
N ASN A 335 13.23 2.66 12.96
CA ASN A 335 12.41 3.42 12.01
C ASN A 335 11.66 2.52 11.04
N GLN A 336 10.50 2.04 11.48
CA GLN A 336 9.81 1.01 10.75
C GLN A 336 8.86 1.55 9.68
N VAL A 337 9.15 1.19 8.45
CA VAL A 337 8.17 1.34 7.41
C VAL A 337 7.16 0.24 7.64
N ASN A 338 5.92 0.63 7.96
CA ASN A 338 4.83 -0.30 8.25
C ASN A 338 3.62 -0.02 7.36
N ASN A 339 3.15 -1.04 6.64
CA ASN A 339 2.03 -0.86 5.72
C ASN A 339 0.71 -0.51 6.42
N CYS A 340 0.53 -1.00 7.65
CA CYS A 340 -0.68 -0.70 8.42
C CYS A 340 -0.74 0.76 8.84
N LEU A 341 0.24 1.55 8.40
CA LEU A 341 0.21 2.98 8.68
C LEU A 341 -0.78 3.70 7.76
N ALA A 342 -0.80 3.31 6.50
CA ALA A 342 -1.58 4.03 5.50
C ALA A 342 -2.96 3.40 5.25
N PHE A 343 -3.00 2.13 4.84
CA PHE A 343 -4.23 1.57 4.29
C PHE A 343 -5.48 1.68 5.18
N PRO A 344 -5.35 1.58 6.52
CA PRO A 344 -6.61 1.73 7.26
C PRO A 344 -7.23 3.13 7.14
N GLY A 345 -6.40 4.17 7.14
CA GLY A 345 -6.86 5.55 7.12
C GLY A 345 -7.17 6.00 5.72
N VAL A 346 -6.48 5.38 4.76
CA VAL A 346 -6.71 5.61 3.34
C VAL A 346 -8.12 5.24 2.95
N PHE A 347 -8.53 4.04 3.35
CA PHE A 347 -9.87 3.54 3.04
C PHE A 347 -10.91 4.21 3.91
N ARG A 348 -10.50 4.64 5.09
CA ARG A 348 -11.46 5.23 6.02
C ARG A 348 -12.06 6.49 5.41
N GLY A 349 -11.22 7.48 5.10
CA GLY A 349 -11.68 8.71 4.50
C GLY A 349 -12.27 8.48 3.13
N THR A 350 -11.68 7.54 2.40
CA THR A 350 -12.20 7.16 1.09
C THR A 350 -13.66 6.73 1.18
N LEU A 351 -13.96 5.91 2.17
CA LEU A 351 -15.33 5.49 2.45
C LEU A 351 -16.10 6.62 3.10
N ASP A 352 -15.49 7.27 4.10
CA ASP A 352 -16.14 8.37 4.83
C ASP A 352 -16.60 9.46 3.88
N ALA A 353 -16.01 9.50 2.70
CA ALA A 353 -16.32 10.56 1.73
C ALA A 353 -17.25 10.10 0.62
N LYS A 354 -17.51 8.80 0.53
CA LYS A 354 -18.20 8.22 -0.61
C LYS A 354 -17.41 8.50 -1.89
N ALA A 355 -16.09 8.34 -1.81
CA ALA A 355 -15.24 8.59 -2.97
C ALA A 355 -15.51 7.50 -3.98
N THR A 356 -15.48 7.87 -5.25
CA THR A 356 -15.75 6.90 -6.29
C THR A 356 -14.43 6.32 -6.77
N GLN A 357 -13.36 6.79 -6.13
CA GLN A 357 -12.03 6.68 -6.69
C GLN A 357 -10.97 7.02 -5.64
N ILE A 358 -9.81 6.36 -5.69
CA ILE A 358 -8.66 6.76 -4.86
C ILE A 358 -7.56 7.36 -5.73
N THR A 359 -7.70 8.64 -6.01
CA THR A 359 -6.86 9.32 -6.99
C THR A 359 -5.45 9.57 -6.49
N GLU A 360 -4.63 10.16 -7.35
CA GLU A 360 -3.24 10.41 -7.01
C GLU A 360 -3.14 11.51 -5.96
N GLU A 361 -3.98 12.53 -6.07
CA GLU A 361 -3.94 13.64 -5.11
C GLU A 361 -4.39 13.20 -3.73
N MET A 362 -5.18 12.13 -3.70
CA MET A 362 -5.65 11.57 -2.46
C MET A 362 -4.54 10.77 -1.81
N LYS A 363 -3.69 10.19 -2.66
CA LYS A 363 -2.52 9.50 -2.16
C LYS A 363 -1.61 10.53 -1.57
N LYS A 364 -1.33 11.54 -2.38
CA LYS A 364 -0.49 12.67 -1.99
C LYS A 364 -0.90 13.24 -0.63
N ALA A 365 -2.21 13.34 -0.39
CA ALA A 365 -2.73 13.90 0.85
C ALA A 365 -2.60 12.91 2.01
N ALA A 366 -2.61 11.63 1.70
CA ALA A 366 -2.46 10.59 2.69
C ALA A 366 -1.02 10.55 3.18
N THR A 367 -0.12 11.00 2.32
CA THR A 367 1.30 11.03 2.67
C THR A 367 1.57 12.12 3.69
N TYR A 368 1.20 13.35 3.34
CA TYR A 368 1.42 14.51 4.20
C TYR A 368 0.79 14.36 5.57
N ALA A 369 -0.45 13.90 5.60
CA ALA A 369 -1.13 13.69 6.87
C ALA A 369 -0.33 12.75 7.75
N LEU A 370 0.20 11.68 7.15
CA LEU A 370 0.99 10.70 7.88
C LEU A 370 2.30 11.30 8.37
N LYS A 371 2.91 12.13 7.53
CA LYS A 371 4.20 12.73 7.83
C LYS A 371 4.05 13.77 8.93
N ASN A 372 2.81 14.21 9.15
CA ASN A 372 2.54 15.31 10.06
C ASN A 372 1.96 14.84 11.40
N ILE A 373 1.88 13.54 11.60
CA ILE A 373 1.57 13.02 12.92
C ILE A 373 2.70 13.44 13.86
N ILE A 374 3.93 13.42 13.32
CA ILE A 374 5.10 13.94 14.02
C ILE A 374 5.17 15.46 13.88
N LYS A 375 5.35 16.12 15.01
CA LYS A 375 5.07 17.54 15.18
C LYS A 375 5.91 18.50 14.34
N GLU A 376 7.11 18.06 13.97
CA GLU A 376 8.15 18.85 13.31
C GLU A 376 9.04 19.50 14.36
N GLN A 377 8.55 19.55 15.60
CA GLN A 377 9.39 19.98 16.70
C GLN A 377 10.00 18.76 17.37
N ASP A 378 9.52 17.58 16.99
CA ASP A 378 9.95 16.35 17.63
C ASP A 378 10.62 15.36 16.66
N LEU A 379 10.96 15.84 15.46
CA LEU A 379 11.66 15.00 14.48
C LEU A 379 13.09 14.64 14.92
N ASN A 380 13.49 13.40 14.66
CA ASN A 380 14.85 12.92 14.96
C ASN A 380 15.43 12.19 13.78
N GLU A 381 16.58 11.58 13.99
CA GLU A 381 17.07 10.55 13.10
C GLU A 381 16.47 9.21 13.52
N ASN A 382 15.59 9.27 14.52
CA ASN A 382 14.86 8.11 15.01
C ASN A 382 13.41 8.48 15.30
N ASN A 383 12.87 9.39 14.53
CA ASN A 383 11.50 9.82 14.72
C ASN A 383 10.95 10.41 13.44
N ILE A 384 10.93 9.60 12.39
CA ILE A 384 10.47 10.06 11.09
C ILE A 384 9.09 9.52 10.82
N LEU A 385 8.73 8.45 11.52
CA LEU A 385 7.42 7.83 11.34
C LEU A 385 6.72 7.57 12.67
N PRO A 386 5.39 7.66 12.66
CA PRO A 386 4.65 7.44 13.91
C PRO A 386 4.66 5.97 14.30
N THR A 387 3.94 5.67 15.37
CA THR A 387 3.75 4.30 15.79
C THR A 387 2.55 3.75 15.03
N SER A 388 2.59 2.47 14.71
CA SER A 388 1.66 1.85 13.75
C SER A 388 0.27 1.56 14.32
N PHE A 389 -0.01 2.10 15.50
CA PHE A 389 -1.20 1.74 16.26
C PHE A 389 -1.86 2.98 16.83
N ASN A 390 -1.07 4.05 16.90
CA ASN A 390 -1.53 5.42 17.17
C ASN A 390 -2.87 5.69 16.49
N LYS A 391 -3.92 5.89 17.29
CA LYS A 391 -5.28 6.01 16.77
C LYS A 391 -5.45 7.31 15.98
N GLU A 392 -4.57 8.26 16.24
CA GLU A 392 -4.63 9.58 15.62
C GLU A 392 -4.11 9.52 14.19
N VAL A 393 -3.65 8.36 13.75
CA VAL A 393 -3.13 8.21 12.40
C VAL A 393 -4.25 7.96 11.38
N VAL A 394 -5.13 7.01 11.69
CA VAL A 394 -6.28 6.75 10.84
C VAL A 394 -7.17 8.00 10.74
N LYS A 395 -7.28 8.71 11.86
CA LYS A 395 -8.16 9.87 11.94
C LYS A 395 -7.72 10.97 10.99
N GLN A 396 -6.44 11.30 11.01
CA GLN A 396 -5.90 12.41 10.24
C GLN A 396 -5.70 12.08 8.77
N ILE A 397 -5.24 10.86 8.52
CA ILE A 397 -5.11 10.38 7.15
C ILE A 397 -6.48 10.32 6.49
N ALA A 398 -7.50 9.98 7.27
CA ALA A 398 -8.85 9.94 6.74
C ALA A 398 -9.37 11.33 6.42
N LEU A 399 -9.11 12.29 7.31
CA LEU A 399 -9.68 13.61 7.13
C LEU A 399 -9.10 14.26 5.89
N ALA A 400 -7.81 13.99 5.66
CA ALA A 400 -7.12 14.57 4.51
C ALA A 400 -7.50 13.84 3.23
N VAL A 401 -7.68 12.53 3.32
CA VAL A 401 -8.10 11.73 2.17
C VAL A 401 -9.53 12.13 1.79
N CYS A 402 -10.34 12.37 2.83
CA CYS A 402 -11.70 12.84 2.64
C CYS A 402 -11.74 14.26 2.08
N LYS A 403 -11.00 15.16 2.71
CA LYS A 403 -10.98 16.59 2.35
C LYS A 403 -10.71 16.84 0.87
N VAL A 404 -9.83 16.04 0.28
CA VAL A 404 -9.47 16.25 -1.12
C VAL A 404 -10.46 15.55 -2.05
N ALA A 405 -11.09 14.48 -1.58
CA ALA A 405 -12.10 13.78 -2.37
C ALA A 405 -13.29 14.69 -2.65
N LYS A 406 -13.81 15.30 -1.58
CA LYS A 406 -14.90 16.26 -1.71
C LYS A 406 -14.50 17.46 -2.58
N GLU A 407 -13.35 18.04 -2.31
CA GLU A 407 -12.85 19.17 -3.10
C GLU A 407 -12.78 18.86 -4.59
N THR A 408 -12.00 17.84 -4.93
CA THR A 408 -11.75 17.49 -6.33
C THR A 408 -12.99 17.06 -7.12
N GLY A 409 -14.00 16.52 -6.45
CA GLY A 409 -15.22 16.10 -7.11
C GLY A 409 -15.43 14.60 -7.18
N VAL A 410 -14.34 13.83 -7.09
CA VAL A 410 -14.38 12.36 -7.12
C VAL A 410 -15.24 11.74 -6.01
N VAL A 411 -16.51 12.12 -5.98
CA VAL A 411 -17.40 11.78 -4.89
C VAL A 411 -18.83 11.57 -5.41
N ARG A 412 -19.53 10.58 -4.85
CA ARG A 412 -20.94 10.32 -5.21
C ARG A 412 -21.82 11.54 -4.94
#